data_7JRT
#
_entry.id   7JRT
#
_cell.length_a   86.436
_cell.length_b   71.990
_cell.length_c   89.439
_cell.angle_alpha   90.000
_cell.angle_beta   117.610
_cell.angle_gamma   90.000
#
_symmetry.space_group_name_H-M   'P 1 21 1'
#
_entity_poly.entity_id   1
_entity_poly.type   'polyribonucleotide'
_entity_poly.pdbx_seq_one_letter_code
;GGAUAUUCGACGGAGGCACCCAGGAACUACCGUUGAAGCUCGCACGACGGCCUGGGGUCGAGUAUCCCGGUAUUUGUCGC
GAGCACUGAGGAACUACUGCUGAAGCCUCCACGGCAGCCUCAGGACAAGUACCG
;
_entity_poly.pdbx_strand_id   A,B
#